data_7D48
#
_entry.id   7D48
#
_cell.length_a   52.924
_cell.length_b   52.924
_cell.length_c   344.361
_cell.angle_alpha   90.00
_cell.angle_beta   90.00
_cell.angle_gamma   90.00
#
_symmetry.space_group_name_H-M   'P 41 21 2'
#
loop_
_entity.id
_entity.type
_entity.pdbx_description
1 polymer 'Cyclic AMP-AMP-GMP synthase'
2 non-polymer 'SODIUM ION'
3 water water
#
_entity_poly.entity_id   1
_entity_poly.type   'polypeptide(L)'
_entity_poly.pdbx_seq_one_letter_code
;MELQPQFNEFLANIRPTDTQKEDWKSGARTLRERLKNFEPLKEIVVSTFLQGSIRRSTAIRPLGDKRPDVDIVVVTNLDH
TRMSPTDAMDLFIPFLEKYYPGKWETQGRSFGITLSYVELDLVITAIPESGAEKSHLEQLYKSESVLTVNSLEEQTDWRL
NKSWTPNTGWLSESNSAQVEDAPASEWKAHPLVLPDREKNEWGRTHPLAQIRWTAEKNRLCNGHYINLVRAVKWWRQQNS
EDLPKYPKGYPLEHLIGNALDNGTTSMAQGLVQLMDTFLSRWAAIYNQKSKPWLSDHGVAEHDVMARLTAEDFCSFYEGI
ASAAEIARNALASEEPQESAQLWRQLFGSKFPLPGPQGGDRNGGFTTPSKPAEPQKTGRFALEHHHHHH
;
_entity_poly.pdbx_strand_id   A
#
# COMPACT_ATOMS: atom_id res chain seq x y z
N MET A 1 -29.60 -3.83 3.04
CA MET A 1 -29.47 -3.32 1.69
C MET A 1 -28.02 -2.98 1.37
N GLU A 2 -27.72 -2.80 0.08
CA GLU A 2 -26.35 -2.49 -0.33
C GLU A 2 -26.04 -1.02 -0.17
N LEU A 3 -27.02 -0.15 -0.45
CA LEU A 3 -26.89 1.30 -0.27
C LEU A 3 -25.64 1.84 -0.95
N GLN A 4 -25.51 1.52 -2.24
CA GLN A 4 -24.34 1.93 -3.01
C GLN A 4 -24.06 3.44 -2.96
N PRO A 5 -25.05 4.33 -3.13
CA PRO A 5 -24.72 5.77 -3.01
C PRO A 5 -24.23 6.15 -1.63
N GLN A 6 -24.78 5.53 -0.58
CA GLN A 6 -24.30 5.81 0.77
C GLN A 6 -22.85 5.38 0.94
N PHE A 7 -22.47 4.23 0.37
CA PHE A 7 -21.09 3.79 0.44
C PHE A 7 -20.17 4.70 -0.36
N ASN A 8 -20.65 5.19 -1.51
CA ASN A 8 -19.83 6.14 -2.27
C ASN A 8 -19.57 7.40 -1.47
N GLU A 9 -20.60 7.93 -0.82
CA GLU A 9 -20.43 9.12 0.01
C GLU A 9 -19.51 8.83 1.19
N PHE A 10 -19.66 7.67 1.83
CA PHE A 10 -18.79 7.28 2.94
C PHE A 10 -17.33 7.22 2.50
N LEU A 11 -17.08 6.61 1.34
CA LEU A 11 -15.72 6.51 0.82
C LEU A 11 -15.15 7.90 0.52
N ALA A 12 -15.94 8.76 -0.11
CA ALA A 12 -15.48 10.14 -0.31
C ALA A 12 -15.16 10.82 1.01
N ASN A 13 -15.88 10.47 2.08
CA ASN A 13 -15.62 11.08 3.37
C ASN A 13 -14.35 10.54 4.02
N ILE A 14 -13.96 9.30 3.74
CA ILE A 14 -12.79 8.72 4.42
C ILE A 14 -11.51 8.73 3.58
N ARG A 15 -11.59 9.06 2.28
CA ARG A 15 -10.39 9.22 1.50
C ARG A 15 -9.61 10.44 1.99
N PRO A 16 -8.30 10.48 1.73
CA PRO A 16 -7.56 11.71 2.00
C PRO A 16 -8.14 12.87 1.19
N THR A 17 -8.20 14.04 1.82
CA THR A 17 -8.78 15.21 1.16
C THR A 17 -7.92 15.61 -0.03
N ASP A 18 -8.48 16.51 -0.85
CA ASP A 18 -7.72 17.05 -1.98
C ASP A 18 -6.48 17.79 -1.51
N THR A 19 -6.60 18.50 -0.38
CA THR A 19 -5.45 19.22 0.16
C THR A 19 -4.34 18.27 0.54
N GLN A 20 -4.69 17.17 1.22
CA GLN A 20 -3.69 16.19 1.64
C GLN A 20 -3.08 15.47 0.43
N LYS A 21 -3.91 15.18 -0.57
CA LYS A 21 -3.40 14.57 -1.80
C LYS A 21 -2.36 15.47 -2.47
N GLU A 22 -2.71 16.76 -2.63
CA GLU A 22 -1.77 17.70 -3.20
C GLU A 22 -0.52 17.83 -2.34
N ASP A 23 -0.66 17.75 -1.02
CA ASP A 23 0.49 17.87 -0.13
C ASP A 23 1.47 16.72 -0.34
N TRP A 24 0.96 15.48 -0.37
CA TRP A 24 1.89 14.36 -0.56
C TRP A 24 2.49 14.38 -1.96
N LYS A 25 1.69 14.76 -2.97
CA LYS A 25 2.25 14.91 -4.31
C LYS A 25 3.37 15.94 -4.35
N SER A 26 3.15 17.10 -3.72
CA SER A 26 4.16 18.15 -3.71
C SER A 26 5.43 17.70 -2.99
N GLY A 27 5.27 17.06 -1.83
CA GLY A 27 6.43 16.60 -1.08
C GLY A 27 7.25 15.58 -1.85
N ALA A 28 6.59 14.55 -2.39
CA ALA A 28 7.31 13.55 -3.17
C ALA A 28 7.96 14.16 -4.41
N ARG A 29 7.25 15.06 -5.09
CA ARG A 29 7.79 15.71 -6.28
C ARG A 29 9.07 16.48 -5.95
N THR A 30 9.03 17.28 -4.88
CA THR A 30 10.20 18.06 -4.51
C THR A 30 11.36 17.16 -4.11
N LEU A 31 11.10 16.15 -3.28
CA LEU A 31 12.17 15.27 -2.84
C LEU A 31 12.82 14.55 -4.02
N ARG A 32 12.00 14.00 -4.91
CA ARG A 32 12.55 13.26 -6.05
C ARG A 32 13.30 14.18 -7.00
N GLU A 33 12.81 15.41 -7.19
CA GLU A 33 13.51 16.33 -8.08
C GLU A 33 14.85 16.75 -7.50
N ARG A 34 14.91 16.96 -6.18
CA ARG A 34 16.18 17.34 -5.58
C ARG A 34 17.15 16.17 -5.54
N LEU A 35 16.65 14.94 -5.40
CA LEU A 35 17.51 13.77 -5.53
C LEU A 35 18.06 13.66 -6.94
N LYS A 36 17.23 13.94 -7.94
CA LYS A 36 17.65 13.76 -9.33
C LYS A 36 18.80 14.69 -9.69
N ASN A 37 18.80 15.91 -9.15
CA ASN A 37 19.75 16.95 -9.52
C ASN A 37 20.91 17.08 -8.54
N PHE A 38 21.07 16.16 -7.61
CA PHE A 38 22.15 16.22 -6.62
C PHE A 38 23.38 15.56 -7.24
N GLU A 39 24.39 16.37 -7.58
CA GLU A 39 25.56 15.87 -8.27
C GLU A 39 26.30 14.76 -7.53
N PRO A 40 26.56 14.87 -6.21
CA PRO A 40 27.33 13.80 -5.55
C PRO A 40 26.69 12.43 -5.61
N LEU A 41 25.45 12.31 -6.06
CA LEU A 41 24.76 11.02 -6.09
C LEU A 41 24.30 10.60 -7.49
N LYS A 42 24.62 11.38 -8.53
CA LYS A 42 24.13 11.03 -9.86
C LYS A 42 24.72 9.74 -10.39
N GLU A 43 25.87 9.30 -9.85
CA GLU A 43 26.47 8.06 -10.34
C GLU A 43 25.80 6.84 -9.72
N ILE A 44 25.47 6.89 -8.43
CA ILE A 44 24.92 5.71 -7.77
C ILE A 44 23.40 5.62 -7.92
N VAL A 45 22.70 6.76 -7.99
CA VAL A 45 21.24 6.75 -8.03
C VAL A 45 20.77 6.36 -9.43
N VAL A 46 20.10 5.21 -9.53
CA VAL A 46 19.54 4.79 -10.80
C VAL A 46 18.21 5.48 -11.05
N SER A 47 17.29 5.40 -10.08
CA SER A 47 15.99 6.05 -10.24
C SER A 47 15.29 6.13 -8.89
N THR A 48 14.09 6.69 -8.88
CA THR A 48 13.25 6.76 -7.69
C THR A 48 11.82 6.44 -8.07
N PHE A 49 11.08 5.88 -7.12
CA PHE A 49 9.66 5.65 -7.34
C PHE A 49 8.92 5.71 -6.02
N LEU A 50 7.60 5.71 -6.12
CA LEU A 50 6.74 5.86 -4.95
C LEU A 50 6.26 4.51 -4.46
N GLN A 51 6.19 4.36 -3.14
CA GLN A 51 5.56 3.23 -2.50
C GLN A 51 4.78 3.73 -1.29
N GLY A 52 3.84 2.92 -0.82
CA GLY A 52 3.06 3.24 0.34
C GLY A 52 1.58 3.11 0.06
N SER A 53 0.82 3.18 1.15
CA SER A 53 -0.63 3.04 1.06
C SER A 53 -1.25 4.12 0.19
N ILE A 54 -0.70 5.34 0.23
CA ILE A 54 -1.25 6.42 -0.60
C ILE A 54 -0.98 6.14 -2.07
N ARG A 55 0.21 5.61 -2.39
CA ARG A 55 0.50 5.22 -3.76
C ARG A 55 -0.45 4.12 -4.24
N ARG A 56 -0.76 3.15 -3.37
CA ARG A 56 -1.69 2.07 -3.71
C ARG A 56 -3.15 2.45 -3.54
N SER A 57 -3.43 3.68 -3.06
CA SER A 57 -4.81 4.17 -2.88
C SER A 57 -5.57 3.29 -1.88
N THR A 58 -4.88 2.81 -0.85
CA THR A 58 -5.50 2.06 0.23
C THR A 58 -5.43 2.80 1.55
N ALA A 59 -5.18 4.11 1.51
CA ALA A 59 -5.00 4.92 2.71
C ALA A 59 -6.27 5.68 3.05
N ILE A 60 -6.48 5.88 4.34
CA ILE A 60 -7.60 6.67 4.82
C ILE A 60 -7.08 8.04 5.25
N ARG A 61 -8.00 8.97 5.43
CA ARG A 61 -7.65 10.33 5.80
C ARG A 61 -6.94 10.35 7.15
N PRO A 62 -5.81 11.06 7.28
CA PRO A 62 -5.20 11.21 8.60
C PRO A 62 -6.10 12.04 9.51
N LEU A 63 -6.08 11.69 10.79
CA LEU A 63 -6.95 12.33 11.78
C LEU A 63 -6.15 13.32 12.62
N GLY A 64 -6.67 14.53 12.74
CA GLY A 64 -6.09 15.55 13.60
C GLY A 64 -4.72 16.04 13.19
N ASP A 65 -3.72 15.81 14.05
CA ASP A 65 -2.37 16.31 13.83
C ASP A 65 -1.53 15.39 12.95
N LYS A 66 -2.03 14.20 12.61
CA LYS A 66 -1.31 13.33 11.70
C LYS A 66 -1.31 13.91 10.28
N ARG A 67 -0.26 13.59 9.54
CA ARG A 67 -0.05 14.08 8.19
C ARG A 67 0.10 12.91 7.24
N PRO A 68 -0.23 13.10 5.95
CA PRO A 68 -0.05 12.02 4.99
C PRO A 68 1.41 11.61 4.89
N ASP A 69 1.64 10.34 4.59
CA ASP A 69 2.99 9.82 4.45
C ASP A 69 3.10 9.00 3.17
N VAL A 70 4.23 9.17 2.48
CA VAL A 70 4.58 8.38 1.30
C VAL A 70 6.05 8.03 1.39
N ASP A 71 6.43 6.90 0.80
CA ASP A 71 7.82 6.49 0.78
C ASP A 71 8.37 6.67 -0.62
N ILE A 72 9.56 7.23 -0.71
CA ILE A 72 10.30 7.37 -1.95
C ILE A 72 11.40 6.32 -1.93
N VAL A 73 11.27 5.30 -2.76
CA VAL A 73 12.29 4.27 -2.90
C VAL A 73 13.34 4.76 -3.88
N VAL A 74 14.61 4.72 -3.46
CA VAL A 74 15.74 5.11 -4.29
C VAL A 74 16.43 3.83 -4.76
N VAL A 75 16.30 3.55 -6.05
CA VAL A 75 17.02 2.44 -6.67
C VAL A 75 18.41 2.94 -7.03
N THR A 76 19.42 2.33 -6.40
CA THR A 76 20.83 2.63 -6.64
C THR A 76 21.51 1.41 -7.25
N ASN A 77 22.74 1.63 -7.72
CA ASN A 77 23.54 0.56 -8.30
C ASN A 77 24.67 0.12 -7.38
N LEU A 78 24.54 0.38 -6.08
CA LEU A 78 25.55 -0.03 -5.13
C LEU A 78 25.66 -1.54 -5.09
N ASP A 79 26.86 -2.03 -4.78
CA ASP A 79 27.12 -3.47 -4.66
C ASP A 79 26.90 -3.85 -3.20
N HIS A 80 25.75 -4.47 -2.92
CA HIS A 80 25.42 -4.86 -1.55
C HIS A 80 26.35 -5.94 -1.02
N THR A 81 27.01 -6.69 -1.90
CA THR A 81 27.96 -7.70 -1.47
C THR A 81 29.30 -7.12 -1.04
N ARG A 82 29.57 -5.85 -1.35
CA ARG A 82 30.85 -5.23 -1.03
C ARG A 82 30.70 -3.92 -0.28
N MET A 83 29.50 -3.59 0.19
CA MET A 83 29.30 -2.39 0.98
C MET A 83 28.29 -2.68 2.09
N SER A 84 28.62 -2.27 3.31
CA SER A 84 27.74 -2.50 4.44
C SER A 84 26.46 -1.68 4.28
N PRO A 85 25.35 -2.14 4.88
CA PRO A 85 24.11 -1.34 4.80
C PRO A 85 24.25 0.05 5.37
N THR A 86 24.98 0.19 6.48
CA THR A 86 25.12 1.50 7.11
C THR A 86 25.89 2.47 6.23
N ASP A 87 26.94 1.99 5.54
CA ASP A 87 27.67 2.86 4.63
C ASP A 87 26.79 3.32 3.47
N ALA A 88 26.03 2.39 2.89
CA ALA A 88 25.12 2.74 1.80
C ALA A 88 24.11 3.79 2.24
N MET A 89 23.55 3.64 3.44
CA MET A 89 22.59 4.63 3.93
C MET A 89 23.26 5.96 4.22
N ASP A 90 24.44 5.93 4.84
CA ASP A 90 25.13 7.16 5.19
C ASP A 90 25.62 7.93 3.96
N LEU A 91 25.71 7.26 2.80
CA LEU A 91 26.00 7.99 1.57
C LEU A 91 24.97 9.08 1.28
N PHE A 92 23.78 9.02 1.89
CA PHE A 92 22.71 9.96 1.61
C PHE A 92 22.56 11.02 2.70
N ILE A 93 23.46 11.07 3.67
CA ILE A 93 23.39 12.02 4.77
C ILE A 93 23.68 13.44 4.31
N PRO A 94 24.69 13.69 3.44
CA PRO A 94 24.87 15.06 2.95
C PRO A 94 23.64 15.62 2.25
N PHE A 95 22.94 14.80 1.47
CA PHE A 95 21.73 15.25 0.79
C PHE A 95 20.68 15.72 1.80
N LEU A 96 20.39 14.88 2.80
CA LEU A 96 19.40 15.23 3.81
C LEU A 96 19.82 16.46 4.60
N GLU A 97 21.11 16.54 4.95
CA GLU A 97 21.59 17.68 5.72
C GLU A 97 21.51 18.97 4.92
N LYS A 98 21.66 18.89 3.60
CA LYS A 98 21.54 20.08 2.78
C LYS A 98 20.08 20.53 2.66
N TYR A 99 19.19 19.59 2.32
CA TYR A 99 17.84 19.98 1.96
C TYR A 99 16.83 19.90 3.09
N TYR A 100 17.03 19.05 4.09
CA TYR A 100 16.09 18.90 5.20
C TYR A 100 16.80 18.94 6.55
N PRO A 101 17.51 20.03 6.86
CA PRO A 101 18.27 20.07 8.12
C PRO A 101 17.32 20.10 9.30
N GLY A 102 17.63 19.28 10.31
CA GLY A 102 16.84 19.22 11.52
C GLY A 102 15.48 18.57 11.38
N LYS A 103 15.18 17.98 10.24
CA LYS A 103 13.87 17.36 10.01
C LYS A 103 13.96 15.90 9.59
N TRP A 104 15.15 15.32 9.53
CA TRP A 104 15.34 13.94 9.13
C TRP A 104 15.96 13.14 10.27
N GLU A 105 15.58 11.87 10.36
CA GLU A 105 16.12 10.98 11.37
C GLU A 105 16.41 9.62 10.75
N THR A 106 17.45 8.98 11.27
CA THR A 106 17.84 7.66 10.81
C THR A 106 16.95 6.61 11.45
N GLN A 107 16.41 5.72 10.64
CA GLN A 107 15.57 4.63 11.10
C GLN A 107 16.18 3.30 10.66
N GLY A 108 15.49 2.22 10.98
CA GLY A 108 16.06 0.89 10.74
C GLY A 108 16.33 0.61 9.28
N ARG A 109 15.32 0.81 8.43
CA ARG A 109 15.42 0.48 7.02
C ARG A 109 15.19 1.68 6.10
N SER A 110 15.21 2.89 6.63
CA SER A 110 14.94 4.08 5.83
C SER A 110 15.33 5.31 6.63
N PHE A 111 15.17 6.47 6.00
CA PHE A 111 15.25 7.75 6.67
C PHE A 111 13.85 8.34 6.78
N GLY A 112 13.57 9.03 7.88
CA GLY A 112 12.28 9.67 8.04
C GLY A 112 12.39 11.18 8.05
N ILE A 113 11.73 11.84 7.11
CA ILE A 113 11.69 13.30 7.01
C ILE A 113 10.31 13.76 7.46
N THR A 114 10.27 14.72 8.38
CA THR A 114 9.02 15.21 8.93
C THR A 114 8.84 16.68 8.57
N LEU A 115 7.93 16.95 7.63
CA LEU A 115 7.49 18.29 7.32
C LEU A 115 6.15 18.56 8.00
N SER A 116 5.75 19.84 8.01
CA SER A 116 4.51 20.21 8.69
C SER A 116 3.28 19.69 7.98
N TYR A 117 3.36 19.43 6.67
CA TYR A 117 2.21 19.02 5.88
C TYR A 117 2.31 17.60 5.33
N VAL A 118 3.44 16.93 5.51
CA VAL A 118 3.64 15.58 4.97
C VAL A 118 4.78 14.93 5.73
N GLU A 119 4.78 13.61 5.78
CA GLU A 119 5.89 12.82 6.28
C GLU A 119 6.42 11.97 5.13
N LEU A 120 7.72 12.00 4.92
CA LEU A 120 8.35 11.29 3.81
C LEU A 120 9.28 10.22 4.38
N ASP A 121 9.36 9.10 3.69
CA ASP A 121 10.32 8.04 4.02
C ASP A 121 11.22 7.81 2.83
N LEU A 122 12.53 7.91 3.05
CA LEU A 122 13.53 7.71 2.01
C LEU A 122 14.11 6.32 2.17
N VAL A 123 13.79 5.43 1.21
CA VAL A 123 14.19 4.03 1.26
C VAL A 123 15.30 3.81 0.25
N ILE A 124 16.50 3.50 0.73
CA ILE A 124 17.65 3.21 -0.14
C ILE A 124 17.63 1.73 -0.48
N THR A 125 17.72 1.40 -1.77
CA THR A 125 17.74 0.01 -2.21
C THR A 125 18.84 -0.17 -3.25
N ALA A 126 19.15 -1.44 -3.52
CA ALA A 126 20.13 -1.80 -4.54
C ALA A 126 19.60 -2.98 -5.33
N ILE A 127 20.21 -3.20 -6.49
CA ILE A 127 19.83 -4.29 -7.39
C ILE A 127 20.85 -5.40 -7.23
N PRO A 128 20.45 -6.61 -6.83
CA PRO A 128 21.41 -7.70 -6.65
C PRO A 128 21.96 -8.25 -7.96
N GLU A 129 21.24 -8.10 -9.06
CA GLU A 129 21.66 -8.68 -10.33
C GLU A 129 22.87 -7.94 -10.89
N SER A 130 23.32 -8.38 -12.06
CA SER A 130 24.47 -7.78 -12.73
C SER A 130 24.42 -8.14 -14.21
N GLY A 131 25.02 -7.28 -15.02
CA GLY A 131 25.11 -7.56 -16.45
C GLY A 131 23.79 -7.31 -17.15
N ALA A 132 23.39 -8.28 -17.99
CA ALA A 132 22.20 -8.09 -18.82
C ALA A 132 20.92 -8.11 -17.99
N GLU A 133 20.88 -8.94 -16.93
CA GLU A 133 19.72 -8.96 -16.06
C GLU A 133 19.56 -7.62 -15.33
N LYS A 134 20.65 -7.08 -14.81
CA LYS A 134 20.59 -5.75 -14.21
C LYS A 134 20.18 -4.69 -15.23
N SER A 135 20.65 -4.84 -16.47
CA SER A 135 20.28 -3.88 -17.52
C SER A 135 18.77 -3.91 -17.78
N HIS A 136 18.20 -5.11 -17.90
CA HIS A 136 16.76 -5.22 -18.13
C HIS A 136 15.96 -4.70 -16.94
N LEU A 137 16.42 -5.01 -15.72
CA LEU A 137 15.74 -4.50 -14.53
C LEU A 137 15.79 -2.97 -14.48
N GLU A 138 16.92 -2.39 -14.87
CA GLU A 138 17.03 -0.93 -14.89
C GLU A 138 16.14 -0.33 -15.96
N GLN A 139 16.02 -1.01 -17.11
CA GLN A 139 15.03 -0.60 -18.11
C GLN A 139 13.64 -0.55 -17.50
N LEU A 140 13.29 -1.55 -16.69
CA LEU A 140 11.99 -1.56 -16.03
C LEU A 140 11.87 -0.39 -15.04
N TYR A 141 12.90 -0.19 -14.23
CA TYR A 141 12.82 0.81 -13.16
C TYR A 141 12.88 2.23 -13.68
N LYS A 142 13.31 2.45 -14.92
CA LYS A 142 13.30 3.78 -15.52
C LYS A 142 12.07 4.03 -16.39
N SER A 143 11.17 3.06 -16.49
CA SER A 143 10.00 3.22 -17.34
C SER A 143 8.98 4.13 -16.66
N GLU A 144 8.00 4.58 -17.46
CA GLU A 144 6.98 5.47 -16.94
C GLU A 144 6.07 4.79 -15.92
N SER A 145 5.88 3.47 -16.04
CA SER A 145 5.02 2.77 -15.09
C SER A 145 5.62 2.78 -13.69
N VAL A 146 6.95 2.75 -13.59
CA VAL A 146 7.59 2.76 -12.28
C VAL A 146 7.75 4.20 -11.77
N LEU A 147 8.06 5.14 -12.66
CA LEU A 147 8.30 6.52 -12.27
C LEU A 147 7.02 7.31 -12.02
N THR A 148 5.84 6.70 -12.18
CA THR A 148 4.60 7.45 -12.18
C THR A 148 4.40 8.22 -10.87
N VAL A 149 3.77 9.38 -10.99
CA VAL A 149 3.47 10.23 -9.84
C VAL A 149 2.02 10.10 -9.39
N ASN A 150 1.22 9.28 -10.07
CA ASN A 150 -0.19 9.13 -9.76
C ASN A 150 -0.43 7.92 -8.88
N SER A 151 -1.45 8.03 -8.03
CA SER A 151 -1.83 6.91 -7.19
C SER A 151 -2.54 5.85 -8.04
N LEU A 152 -2.71 4.67 -7.44
CA LEU A 152 -3.35 3.57 -8.15
C LEU A 152 -4.77 3.94 -8.60
N GLU A 153 -5.48 4.69 -7.77
CA GLU A 153 -6.86 5.05 -8.07
C GLU A 153 -6.96 5.97 -9.29
N GLU A 154 -5.93 6.76 -9.56
CA GLU A 154 -5.96 7.74 -10.63
C GLU A 154 -5.55 7.17 -11.99
N GLN A 155 -5.18 5.88 -12.06
CA GLN A 155 -4.68 5.31 -13.31
C GLN A 155 -5.10 3.83 -13.37
N THR A 156 -6.35 3.61 -13.82
CA THR A 156 -6.84 2.25 -13.94
C THR A 156 -6.06 1.46 -14.99
N ASP A 157 -5.56 2.14 -16.03
CA ASP A 157 -4.84 1.48 -17.12
C ASP A 157 -3.42 1.10 -16.74
N TRP A 158 -2.98 1.36 -15.51
CA TRP A 158 -1.59 1.13 -15.15
C TRP A 158 -1.25 -0.36 -15.13
N ARG A 159 -0.11 -0.71 -15.71
CA ARG A 159 0.44 -2.05 -15.65
C ARG A 159 1.93 -1.95 -15.33
N LEU A 160 2.47 -3.03 -14.76
CA LEU A 160 3.91 -3.11 -14.50
C LEU A 160 4.59 -3.59 -15.78
N ASN A 161 4.78 -2.67 -16.71
CA ASN A 161 5.36 -2.98 -18.01
C ASN A 161 6.10 -1.76 -18.52
N LYS A 162 7.33 -1.97 -18.98
CA LYS A 162 8.14 -0.86 -19.45
C LYS A 162 7.59 -0.22 -20.72
N SER A 163 6.60 -0.83 -21.36
CA SER A 163 5.98 -0.25 -22.54
C SER A 163 4.73 0.57 -22.21
N TRP A 164 4.25 0.52 -20.97
CA TRP A 164 3.04 1.26 -20.61
C TRP A 164 3.31 2.76 -20.59
N THR A 165 2.35 3.52 -21.12
CA THR A 165 2.40 4.98 -21.14
C THR A 165 1.10 5.53 -20.59
N PRO A 166 1.16 6.62 -19.82
CA PRO A 166 -0.06 7.17 -19.23
C PRO A 166 -0.97 7.79 -20.29
N ASN A 167 -2.23 7.93 -19.91
CA ASN A 167 -3.27 8.47 -20.80
C ASN A 167 -3.91 9.68 -20.13
N THR A 168 -4.07 10.76 -20.90
CA THR A 168 -4.72 11.98 -20.44
C THR A 168 -6.06 12.10 -21.16
N GLY A 169 -7.03 11.34 -20.69
CA GLY A 169 -8.38 11.45 -21.21
C GLY A 169 -8.65 10.73 -22.51
N TRP A 170 -8.02 11.17 -23.60
CA TRP A 170 -8.37 10.72 -24.93
C TRP A 170 -7.15 10.29 -25.72
N LEU A 171 -7.30 9.17 -26.43
CA LEU A 171 -6.38 8.71 -27.47
C LEU A 171 -7.09 7.63 -28.27
N SER A 172 -6.92 7.64 -29.59
CA SER A 172 -7.72 6.78 -30.45
C SER A 172 -6.86 5.81 -31.26
N GLU A 173 -6.73 6.07 -32.56
CA GLU A 173 -6.06 5.13 -33.46
C GLU A 173 -4.57 4.98 -33.15
N SER A 174 -3.99 5.88 -32.36
CA SER A 174 -2.58 5.77 -32.00
C SER A 174 -2.32 4.46 -31.25
N ASN A 175 -2.92 4.33 -30.06
CA ASN A 175 -2.79 3.08 -29.29
C ASN A 175 -3.94 3.05 -28.28
N SER A 176 -5.08 2.52 -28.72
CA SER A 176 -6.19 2.23 -27.83
C SER A 176 -6.14 0.81 -27.27
N ALA A 177 -5.10 0.05 -27.62
CA ALA A 177 -4.94 -1.31 -27.11
C ALA A 177 -4.32 -1.28 -25.72
N GLN A 178 -4.88 -2.06 -24.81
CA GLN A 178 -4.39 -2.11 -23.44
C GLN A 178 -3.23 -3.07 -23.32
N VAL A 179 -2.10 -2.58 -22.82
CA VAL A 179 -0.98 -3.46 -22.50
C VAL A 179 -1.28 -4.21 -21.20
N GLU A 180 -0.55 -5.29 -20.97
CA GLU A 180 -0.71 -6.09 -19.77
C GLU A 180 0.58 -6.05 -18.95
N ASP A 181 0.49 -6.58 -17.74
CA ASP A 181 1.69 -6.72 -16.91
C ASP A 181 2.74 -7.54 -17.65
N ALA A 182 4.00 -7.13 -17.50
CA ALA A 182 5.09 -7.89 -18.08
C ALA A 182 5.08 -9.31 -17.52
N PRO A 183 5.49 -10.30 -18.31
CA PRO A 183 5.48 -11.69 -17.82
C PRO A 183 6.29 -11.82 -16.53
N ALA A 184 5.76 -12.64 -15.61
CA ALA A 184 6.34 -12.74 -14.28
C ALA A 184 7.80 -13.16 -14.32
N SER A 185 8.22 -13.86 -15.36
CA SER A 185 9.60 -14.32 -15.49
C SER A 185 10.59 -13.17 -15.63
N GLU A 186 10.10 -11.93 -15.70
CA GLU A 186 10.97 -10.77 -15.85
C GLU A 186 11.18 -9.98 -14.56
N TRP A 187 10.40 -10.25 -13.51
CA TRP A 187 10.47 -9.43 -12.30
C TRP A 187 10.18 -10.20 -11.02
N LYS A 188 9.44 -11.31 -11.11
CA LYS A 188 8.90 -11.93 -9.90
C LYS A 188 9.99 -12.43 -8.97
N ALA A 189 11.06 -13.03 -9.52
CA ALA A 189 12.17 -13.52 -8.73
C ALA A 189 13.32 -12.52 -8.67
N HIS A 190 13.04 -11.24 -8.92
CA HIS A 190 14.07 -10.19 -8.90
C HIS A 190 13.65 -9.10 -7.91
N PRO A 191 13.77 -9.34 -6.61
CA PRO A 191 13.55 -8.28 -5.64
C PRO A 191 14.79 -7.41 -5.47
N LEU A 192 14.54 -6.20 -4.99
CA LEU A 192 15.61 -5.30 -4.55
C LEU A 192 16.14 -5.75 -3.19
N VAL A 193 17.32 -5.25 -2.85
CA VAL A 193 17.88 -5.45 -1.52
C VAL A 193 17.85 -4.11 -0.78
N LEU A 194 17.66 -4.19 0.53
CA LEU A 194 17.33 -3.08 1.40
C LEU A 194 18.18 -3.17 2.65
N PRO A 195 18.88 -2.10 3.02
CA PRO A 195 19.67 -2.11 4.26
C PRO A 195 18.79 -2.30 5.49
N ASP A 196 19.32 -3.05 6.45
CA ASP A 196 18.70 -3.21 7.76
C ASP A 196 19.80 -2.99 8.79
N ARG A 197 19.74 -1.85 9.48
CA ARG A 197 20.78 -1.48 10.44
C ARG A 197 20.64 -2.27 11.75
N GLU A 198 19.41 -2.60 12.15
CA GLU A 198 19.21 -3.35 13.38
C GLU A 198 19.60 -4.81 13.22
N LYS A 199 19.40 -5.38 12.04
CA LYS A 199 19.96 -6.70 11.71
C LYS A 199 21.33 -6.60 11.06
N ASN A 200 21.70 -5.41 10.59
CA ASN A 200 23.02 -5.16 10.00
C ASN A 200 23.28 -6.04 8.78
N GLU A 201 22.31 -6.06 7.87
CA GLU A 201 22.44 -6.90 6.68
C GLU A 201 21.46 -6.40 5.62
N TRP A 202 21.63 -6.92 4.41
CA TRP A 202 20.75 -6.58 3.29
C TRP A 202 19.64 -7.60 3.20
N GLY A 203 18.39 -7.15 3.37
CA GLY A 203 17.24 -8.00 3.23
C GLY A 203 16.55 -7.77 1.90
N ARG A 204 15.69 -8.69 1.51
CA ARG A 204 15.00 -8.58 0.22
C ARG A 204 13.68 -7.82 0.38
N THR A 205 13.34 -7.04 -0.64
CA THR A 205 12.07 -6.32 -0.67
C THR A 205 11.67 -6.16 -2.13
N HIS A 206 10.36 -6.18 -2.40
CA HIS A 206 9.85 -6.15 -3.77
C HIS A 206 8.59 -5.30 -3.82
N PRO A 207 8.73 -3.98 -3.67
CA PRO A 207 7.55 -3.10 -3.69
C PRO A 207 6.78 -3.12 -5.00
N LEU A 208 7.48 -3.28 -6.13
CA LEU A 208 6.78 -3.25 -7.42
C LEU A 208 5.83 -4.42 -7.56
N ALA A 209 6.24 -5.62 -7.10
CA ALA A 209 5.34 -6.76 -7.14
C ALA A 209 4.11 -6.54 -6.27
N GLN A 210 4.30 -5.93 -5.09
CA GLN A 210 3.17 -5.62 -4.21
C GLN A 210 2.20 -4.65 -4.88
N ILE A 211 2.74 -3.58 -5.48
CA ILE A 211 1.90 -2.60 -6.15
C ILE A 211 1.15 -3.25 -7.32
N ARG A 212 1.85 -4.08 -8.11
CA ARG A 212 1.22 -4.73 -9.25
C ARG A 212 0.10 -5.66 -8.81
N TRP A 213 0.35 -6.44 -7.76
CA TRP A 213 -0.69 -7.33 -7.25
C TRP A 213 -1.89 -6.54 -6.76
N THR A 214 -1.64 -5.42 -6.08
CA THR A 214 -2.74 -4.58 -5.62
C THR A 214 -3.60 -4.09 -6.79
N ALA A 215 -2.94 -3.58 -7.83
CA ALA A 215 -3.68 -3.07 -9.00
C ALA A 215 -4.46 -4.18 -9.69
N GLU A 216 -3.85 -5.35 -9.87
CA GLU A 216 -4.55 -6.45 -10.52
C GLU A 216 -5.72 -6.92 -9.69
N LYS A 217 -5.56 -7.01 -8.36
CA LYS A 217 -6.66 -7.44 -7.51
C LYS A 217 -7.80 -6.42 -7.54
N ASN A 218 -7.46 -5.13 -7.64
CA ASN A 218 -8.51 -4.12 -7.76
C ASN A 218 -9.26 -4.28 -9.07
N ARG A 219 -8.55 -4.59 -10.15
CA ARG A 219 -9.23 -4.82 -11.43
C ARG A 219 -10.11 -6.06 -11.37
N LEU A 220 -9.62 -7.14 -10.77
CA LEU A 220 -10.41 -8.36 -10.64
C LEU A 220 -11.61 -8.17 -9.75
N CYS A 221 -11.60 -7.16 -8.89
CA CYS A 221 -12.72 -6.89 -7.99
C CYS A 221 -13.48 -5.62 -8.40
N ASN A 222 -13.39 -5.24 -9.67
CA ASN A 222 -14.17 -4.14 -10.23
C ASN A 222 -13.97 -2.83 -9.46
N GLY A 223 -12.74 -2.61 -9.00
CA GLY A 223 -12.40 -1.40 -8.29
C GLY A 223 -12.86 -1.33 -6.85
N HIS A 224 -13.43 -2.40 -6.31
CA HIS A 224 -13.91 -2.38 -4.94
C HIS A 224 -12.84 -2.70 -3.91
N TYR A 225 -11.70 -3.26 -4.33
CA TYR A 225 -10.75 -3.80 -3.37
C TYR A 225 -10.11 -2.69 -2.52
N ILE A 226 -9.59 -1.64 -3.15
CA ILE A 226 -8.93 -0.59 -2.40
C ILE A 226 -9.93 0.14 -1.50
N ASN A 227 -11.16 0.29 -1.98
CA ASN A 227 -12.20 0.91 -1.15
C ASN A 227 -12.58 0.03 0.03
N LEU A 228 -12.57 -1.29 -0.14
CA LEU A 228 -12.82 -2.19 0.98
C LEU A 228 -11.70 -2.14 2.00
N VAL A 229 -10.45 -2.06 1.52
CA VAL A 229 -9.32 -1.89 2.45
C VAL A 229 -9.51 -0.60 3.26
N ARG A 230 -9.89 0.49 2.59
CA ARG A 230 -10.14 1.74 3.28
C ARG A 230 -11.26 1.61 4.30
N ALA A 231 -12.36 0.96 3.93
CA ALA A 231 -13.50 0.83 4.83
C ALA A 231 -13.13 0.03 6.06
N VAL A 232 -12.33 -1.04 5.89
CA VAL A 232 -11.95 -1.85 7.04
C VAL A 232 -10.97 -1.09 7.93
N LYS A 233 -10.06 -0.34 7.32
CA LYS A 233 -9.17 0.52 8.11
C LYS A 233 -9.97 1.53 8.92
N TRP A 234 -11.01 2.12 8.31
CA TRP A 234 -11.83 3.08 9.03
C TRP A 234 -12.60 2.41 10.15
N TRP A 235 -13.13 1.21 9.91
CA TRP A 235 -13.80 0.45 10.95
C TRP A 235 -12.85 0.18 12.12
N ARG A 236 -11.63 -0.24 11.82
CA ARG A 236 -10.65 -0.48 12.87
C ARG A 236 -10.37 0.80 13.65
N GLN A 237 -10.26 1.93 12.94
CA GLN A 237 -10.01 3.20 13.63
C GLN A 237 -11.17 3.58 14.54
N GLN A 238 -12.40 3.35 14.10
CA GLN A 238 -13.56 3.71 14.92
C GLN A 238 -13.73 2.79 16.12
N ASN A 239 -13.11 1.61 16.11
CA ASN A 239 -13.22 0.65 17.20
C ASN A 239 -11.84 0.29 17.77
N SER A 240 -10.91 1.25 17.75
CA SER A 240 -9.54 0.95 18.14
C SER A 240 -9.45 0.50 19.59
N GLU A 241 -10.31 1.01 20.47
CA GLU A 241 -10.26 0.62 21.87
C GLU A 241 -10.72 -0.81 22.11
N ASP A 242 -11.49 -1.39 21.18
CA ASP A 242 -11.94 -2.77 21.27
C ASP A 242 -11.06 -3.74 20.49
N LEU A 243 -10.01 -3.25 19.85
CA LEU A 243 -9.19 -4.07 18.97
C LEU A 243 -7.74 -4.01 19.40
N PRO A 244 -6.96 -5.04 19.10
CA PRO A 244 -5.52 -4.97 19.39
C PRO A 244 -4.84 -3.95 18.52
N LYS A 245 -3.66 -3.51 18.97
CA LYS A 245 -2.88 -2.53 18.22
C LYS A 245 -2.55 -3.05 16.83
N TYR A 246 -2.22 -4.33 16.72
CA TYR A 246 -1.92 -4.99 15.46
C TYR A 246 -2.91 -6.12 15.21
N PRO A 247 -3.22 -6.43 13.95
CA PRO A 247 -2.63 -5.87 12.72
C PRO A 247 -3.13 -4.48 12.34
N LYS A 248 -2.29 -3.76 11.62
CA LYS A 248 -2.62 -2.45 11.07
C LYS A 248 -1.69 -2.22 9.88
N GLY A 249 -2.00 -1.18 9.10
CA GLY A 249 -1.14 -0.86 7.97
C GLY A 249 -1.12 -1.95 6.92
N TYR A 250 0.08 -2.27 6.43
CA TYR A 250 0.15 -3.20 5.32
C TYR A 250 -0.20 -4.65 5.71
N PRO A 251 0.17 -5.14 6.90
CA PRO A 251 -0.33 -6.48 7.27
C PRO A 251 -1.85 -6.58 7.27
N LEU A 252 -2.54 -5.54 7.76
CA LEU A 252 -4.01 -5.53 7.70
C LEU A 252 -4.49 -5.51 6.26
N GLU A 253 -3.90 -4.65 5.43
CA GLU A 253 -4.28 -4.61 4.01
C GLU A 253 -4.09 -5.98 3.36
N HIS A 254 -3.01 -6.66 3.73
CA HIS A 254 -2.71 -7.97 3.14
C HIS A 254 -3.73 -9.02 3.57
N LEU A 255 -4.10 -9.01 4.85
CA LEU A 255 -5.16 -9.89 5.33
C LEU A 255 -6.45 -9.65 4.54
N ILE A 256 -6.81 -8.38 4.34
CA ILE A 256 -8.04 -8.05 3.60
C ILE A 256 -7.95 -8.57 2.16
N GLY A 257 -6.83 -8.30 1.50
CA GLY A 257 -6.67 -8.75 0.13
C GLY A 257 -6.69 -10.25 0.00
N ASN A 258 -6.21 -10.97 1.02
CA ASN A 258 -6.27 -12.42 1.03
C ASN A 258 -7.69 -12.90 1.20
N ALA A 259 -8.46 -12.27 2.09
CA ALA A 259 -9.81 -12.75 2.38
C ALA A 259 -10.78 -12.48 1.25
N LEU A 260 -10.57 -11.41 0.49
CA LEU A 260 -11.53 -11.00 -0.52
C LEU A 260 -11.45 -11.88 -1.76
N ASP A 261 -12.61 -12.33 -2.25
CA ASP A 261 -12.68 -13.08 -3.50
C ASP A 261 -12.61 -12.14 -4.69
N ASN A 262 -12.32 -12.70 -5.86
CA ASN A 262 -12.38 -11.95 -7.10
C ASN A 262 -13.85 -11.79 -7.52
N GLY A 263 -14.09 -10.77 -8.34
CA GLY A 263 -15.40 -10.55 -8.90
C GLY A 263 -16.37 -9.79 -8.01
N THR A 264 -15.86 -9.03 -7.04
CA THR A 264 -16.72 -8.25 -6.14
C THR A 264 -17.61 -7.31 -6.94
N THR A 265 -18.89 -7.25 -6.57
CA THR A 265 -19.86 -6.44 -7.29
C THR A 265 -20.34 -5.22 -6.53
N SER A 266 -20.20 -5.19 -5.21
CA SER A 266 -20.59 -4.01 -4.43
C SER A 266 -19.79 -4.01 -3.13
N MET A 267 -19.79 -2.86 -2.46
CA MET A 267 -19.06 -2.71 -1.22
C MET A 267 -19.66 -3.59 -0.13
N ALA A 268 -21.00 -3.59 0.00
CA ALA A 268 -21.65 -4.34 1.05
C ALA A 268 -21.42 -5.85 0.87
N GLN A 269 -21.68 -6.35 -0.34
CA GLN A 269 -21.45 -7.76 -0.61
C GLN A 269 -19.98 -8.14 -0.38
N GLY A 270 -19.07 -7.28 -0.83
CA GLY A 270 -17.66 -7.55 -0.63
C GLY A 270 -17.25 -7.60 0.83
N LEU A 271 -17.78 -6.67 1.63
CA LEU A 271 -17.50 -6.67 3.07
C LEU A 271 -17.96 -7.98 3.71
N VAL A 272 -19.23 -8.34 3.48
CA VAL A 272 -19.75 -9.56 4.10
C VAL A 272 -18.96 -10.78 3.63
N GLN A 273 -18.65 -10.84 2.33
CA GLN A 273 -17.93 -12.00 1.81
C GLN A 273 -16.53 -12.10 2.42
N LEU A 274 -15.78 -10.99 2.43
CA LEU A 274 -14.42 -11.05 2.94
C LEU A 274 -14.41 -11.37 4.43
N MET A 275 -15.38 -10.86 5.19
CA MET A 275 -15.41 -11.18 6.61
C MET A 275 -15.77 -12.65 6.84
N ASP A 276 -16.77 -13.17 6.13
CA ASP A 276 -17.11 -14.60 6.26
C ASP A 276 -15.93 -15.47 5.88
N THR A 277 -15.25 -15.13 4.79
CA THR A 277 -14.12 -15.94 4.35
C THR A 277 -12.97 -15.87 5.34
N PHE A 278 -12.71 -14.68 5.90
CA PHE A 278 -11.70 -14.56 6.93
C PHE A 278 -12.03 -15.45 8.12
N LEU A 279 -13.30 -15.47 8.52
CA LEU A 279 -13.67 -16.23 9.72
C LEU A 279 -13.57 -17.73 9.46
N SER A 280 -13.99 -18.20 8.29
CA SER A 280 -13.95 -19.65 8.05
C SER A 280 -12.54 -20.12 7.70
N ARG A 281 -11.77 -19.31 6.98
CA ARG A 281 -10.45 -19.72 6.55
C ARG A 281 -9.50 -19.87 7.74
N TRP A 282 -9.59 -18.95 8.70
CA TRP A 282 -8.67 -18.95 9.84
C TRP A 282 -9.31 -19.49 11.11
N ALA A 283 -10.46 -20.15 11.02
CA ALA A 283 -11.11 -20.69 12.22
C ALA A 283 -10.22 -21.73 12.89
N ALA A 284 -9.56 -22.59 12.10
CA ALA A 284 -8.69 -23.60 12.69
C ALA A 284 -7.49 -22.96 13.37
N ILE A 285 -6.82 -22.03 12.68
CA ILE A 285 -5.69 -21.31 13.27
C ILE A 285 -6.13 -20.63 14.56
N TYR A 286 -7.30 -19.99 14.53
CA TYR A 286 -7.79 -19.30 15.72
C TYR A 286 -8.04 -20.27 16.87
N ASN A 287 -8.66 -21.42 16.58
CA ASN A 287 -8.89 -22.41 17.62
C ASN A 287 -7.59 -22.98 18.15
N GLN A 288 -6.56 -23.05 17.30
CA GLN A 288 -5.22 -23.42 17.76
C GLN A 288 -4.54 -22.33 18.56
N LYS A 289 -5.16 -21.15 18.68
CA LYS A 289 -4.55 -19.99 19.33
C LYS A 289 -3.20 -19.66 18.69
N SER A 290 -3.17 -19.76 17.37
CA SER A 290 -1.99 -19.49 16.58
C SER A 290 -2.26 -18.29 15.67
N LYS A 291 -1.38 -18.08 14.70
CA LYS A 291 -1.53 -17.03 13.71
C LYS A 291 -1.14 -17.60 12.35
N PRO A 292 -1.70 -17.08 11.28
CA PRO A 292 -1.38 -17.61 9.96
C PRO A 292 -0.10 -17.02 9.40
N TRP A 293 0.56 -17.81 8.56
CA TRP A 293 1.61 -17.34 7.70
C TRP A 293 0.98 -16.88 6.38
N LEU A 294 1.39 -15.72 5.90
CA LEU A 294 0.97 -15.23 4.59
C LEU A 294 2.19 -14.62 3.91
N SER A 295 2.59 -15.19 2.79
CA SER A 295 3.82 -14.79 2.13
C SER A 295 3.65 -13.43 1.46
N ASP A 296 4.74 -12.66 1.47
CA ASP A 296 4.77 -11.40 0.75
C ASP A 296 4.65 -11.63 -0.75
N HIS A 297 4.00 -10.69 -1.43
CA HIS A 297 3.74 -10.86 -2.87
C HIS A 297 5.00 -10.88 -3.70
N GLY A 298 6.10 -10.30 -3.21
CA GLY A 298 7.33 -10.28 -3.98
C GLY A 298 8.41 -11.19 -3.47
N VAL A 299 8.42 -11.44 -2.16
CA VAL A 299 9.40 -12.30 -1.50
C VAL A 299 8.61 -13.38 -0.78
N ALA A 300 8.48 -14.56 -1.43
CA ALA A 300 7.67 -15.63 -0.87
C ALA A 300 8.22 -16.14 0.45
N GLU A 301 9.53 -16.00 0.66
CA GLU A 301 10.17 -16.45 1.89
C GLU A 301 9.91 -15.50 3.06
N HIS A 302 9.23 -14.38 2.83
CA HIS A 302 8.95 -13.42 3.89
C HIS A 302 7.50 -13.55 4.34
N ASP A 303 7.30 -13.63 5.64
CA ASP A 303 5.96 -13.70 6.23
C ASP A 303 5.51 -12.29 6.57
N VAL A 304 4.40 -11.85 5.97
CA VAL A 304 3.87 -10.52 6.24
C VAL A 304 3.44 -10.40 7.71
N MET A 305 3.03 -11.51 8.33
CA MET A 305 2.57 -11.51 9.71
C MET A 305 3.67 -11.87 10.69
N ALA A 306 4.95 -11.74 10.29
CA ALA A 306 6.04 -12.21 11.13
C ALA A 306 6.05 -11.53 12.50
N ARG A 307 5.77 -10.23 12.53
CA ARG A 307 5.80 -9.47 13.78
C ARG A 307 4.47 -9.51 14.53
N LEU A 308 3.41 -10.02 13.91
CA LEU A 308 2.13 -10.14 14.59
C LEU A 308 2.16 -11.31 15.56
N THR A 309 1.63 -11.10 16.76
CA THR A 309 1.56 -12.18 17.73
C THR A 309 0.25 -12.96 17.56
N ALA A 310 0.29 -14.21 18.01
CA ALA A 310 -0.90 -15.05 17.92
C ALA A 310 -2.02 -14.46 18.77
N GLU A 311 -1.68 -13.86 19.91
CA GLU A 311 -2.68 -13.25 20.77
C GLU A 311 -3.37 -12.08 20.06
N ASP A 312 -2.57 -11.22 19.42
CA ASP A 312 -3.16 -10.09 18.69
C ASP A 312 -3.99 -10.57 17.53
N PHE A 313 -3.53 -11.61 16.83
CA PHE A 313 -4.32 -12.12 15.70
C PHE A 313 -5.65 -12.68 16.17
N CYS A 314 -5.66 -13.39 17.31
CA CYS A 314 -6.91 -13.98 17.78
C CYS A 314 -7.85 -12.90 18.31
N SER A 315 -7.32 -11.88 18.98
CA SER A 315 -8.15 -10.73 19.35
C SER A 315 -8.77 -10.07 18.12
N PHE A 316 -7.97 -9.90 17.06
CA PHE A 316 -8.49 -9.31 15.84
C PHE A 316 -9.54 -10.20 15.18
N TYR A 317 -9.33 -11.52 15.24
CA TYR A 317 -10.32 -12.46 14.71
C TYR A 317 -11.64 -12.32 15.44
N GLU A 318 -11.60 -12.19 16.77
CA GLU A 318 -12.83 -12.00 17.52
C GLU A 318 -13.49 -10.67 17.16
N GLY A 319 -12.69 -9.62 16.93
CA GLY A 319 -13.25 -8.37 16.47
C GLY A 319 -13.97 -8.50 15.13
N ILE A 320 -13.34 -9.23 14.19
CA ILE A 320 -13.97 -9.45 12.88
C ILE A 320 -15.25 -10.27 13.04
N ALA A 321 -15.23 -11.26 13.94
CA ALA A 321 -16.42 -12.08 14.16
C ALA A 321 -17.56 -11.23 14.69
N SER A 322 -17.27 -10.28 15.58
CA SER A 322 -18.33 -9.41 16.08
C SER A 322 -18.80 -8.45 14.99
N ALA A 323 -17.89 -7.94 14.16
CA ALA A 323 -18.31 -7.02 13.10
C ALA A 323 -19.10 -7.71 12.01
N ALA A 324 -18.85 -9.01 11.80
CA ALA A 324 -19.49 -9.72 10.69
C ALA A 324 -20.98 -9.93 10.94
N GLU A 325 -21.40 -10.10 12.19
CA GLU A 325 -22.83 -10.21 12.46
C GLU A 325 -23.54 -8.91 12.09
N ILE A 326 -22.97 -7.78 12.48
CA ILE A 326 -23.55 -6.49 12.12
C ILE A 326 -23.58 -6.32 10.61
N ALA A 327 -22.49 -6.69 9.93
CA ALA A 327 -22.44 -6.51 8.48
C ALA A 327 -23.46 -7.39 7.77
N ARG A 328 -23.58 -8.65 8.21
CA ARG A 328 -24.55 -9.55 7.59
C ARG A 328 -25.97 -9.03 7.77
N ASN A 329 -26.29 -8.55 8.98
CA ASN A 329 -27.64 -8.03 9.20
C ASN A 329 -27.87 -6.71 8.47
N ALA A 330 -26.83 -5.91 8.27
CA ALA A 330 -26.98 -4.69 7.49
C ALA A 330 -27.27 -5.00 6.04
N LEU A 331 -26.54 -5.97 5.47
CA LEU A 331 -26.79 -6.36 4.08
C LEU A 331 -28.16 -7.00 3.93
N ALA A 332 -28.55 -7.86 4.89
CA ALA A 332 -29.81 -8.57 4.78
C ALA A 332 -31.03 -7.68 4.95
N SER A 333 -30.88 -6.53 5.60
CA SER A 333 -32.01 -5.66 5.88
C SER A 333 -32.65 -5.16 4.58
N GLU A 334 -33.98 -5.14 4.56
CA GLU A 334 -34.74 -4.66 3.41
C GLU A 334 -35.26 -3.24 3.61
N GLU A 335 -34.95 -2.60 4.74
CA GLU A 335 -35.35 -1.23 5.01
C GLU A 335 -34.13 -0.32 4.92
N PRO A 336 -34.22 0.79 4.17
CA PRO A 336 -33.03 1.65 4.02
C PRO A 336 -32.53 2.22 5.33
N GLN A 337 -33.43 2.69 6.20
CA GLN A 337 -32.99 3.33 7.44
C GLN A 337 -32.34 2.32 8.38
N GLU A 338 -32.95 1.15 8.54
CA GLU A 338 -32.37 0.12 9.41
C GLU A 338 -31.00 -0.33 8.88
N SER A 339 -30.92 -0.56 7.58
CA SER A 339 -29.67 -0.99 6.96
C SER A 339 -28.57 0.06 7.17
N ALA A 340 -28.90 1.34 6.93
CA ALA A 340 -27.92 2.39 7.13
C ALA A 340 -27.53 2.54 8.60
N GLN A 341 -28.47 2.31 9.51
CA GLN A 341 -28.13 2.38 10.94
C GLN A 341 -27.15 1.27 11.33
N LEU A 342 -27.33 0.08 10.75
CA LEU A 342 -26.37 -1.00 11.03
C LEU A 342 -25.00 -0.69 10.42
N TRP A 343 -24.98 -0.21 9.17
CA TRP A 343 -23.70 0.18 8.57
C TRP A 343 -23.03 1.28 9.39
N ARG A 344 -23.82 2.16 10.01
CA ARG A 344 -23.26 3.22 10.84
C ARG A 344 -22.75 2.68 12.17
N GLN A 345 -23.42 1.67 12.72
CA GLN A 345 -22.87 1.00 13.90
C GLN A 345 -21.50 0.43 13.59
N LEU A 346 -21.30 -0.04 12.36
CA LEU A 346 -19.96 -0.49 11.96
C LEU A 346 -18.99 0.67 11.78
N PHE A 347 -19.36 1.66 10.97
CA PHE A 347 -18.42 2.64 10.45
C PHE A 347 -18.49 4.02 11.09
N GLY A 348 -19.56 4.32 11.83
CA GLY A 348 -19.67 5.63 12.45
C GLY A 348 -20.44 6.63 11.61
N SER A 349 -20.32 7.90 12.01
CA SER A 349 -21.14 8.96 11.43
C SER A 349 -20.71 9.32 10.01
N LYS A 350 -19.50 8.93 9.59
CA LYS A 350 -19.09 9.22 8.22
C LYS A 350 -19.91 8.44 7.20
N PHE A 351 -20.58 7.37 7.63
CA PHE A 351 -21.53 6.67 6.77
C PHE A 351 -22.87 7.38 6.84
N PRO A 352 -23.42 7.85 5.73
CA PRO A 352 -24.62 8.68 5.78
C PRO A 352 -25.92 7.88 5.80
N LEU A 353 -26.95 8.52 6.34
CA LEU A 353 -28.31 8.02 6.31
C LEU A 353 -28.99 8.47 5.01
N PRO A 354 -29.82 7.62 4.40
CA PRO A 354 -30.57 8.07 3.21
C PRO A 354 -31.53 9.21 3.51
N GLY A 355 -32.12 9.21 4.70
CA GLY A 355 -33.05 10.26 5.09
C GLY A 355 -33.55 10.12 6.52
#